data_6DKI
#
_entry.id   6DKI
#
_cell.length_a   113.640
_cell.length_b   45.510
_cell.length_c   79.320
_cell.angle_alpha   90.00
_cell.angle_beta   126.56
_cell.angle_gamma   90.00
#
_symmetry.space_group_name_H-M   'C 1 2 1'
#
loop_
_entity.id
_entity.type
_entity.pdbx_description
1 polymer 'High affinity nerve growth factor receptor'
2 non-polymer 5-phenylthieno[2,3-d]pyrimidin-4(3H)-one
3 non-polymer 6-amino-5-{[(3S)-4,4-difluoro-1-{[4-(trifluoromethoxy)phenyl]acetyl}pyrrolidin-3-yl]oxy}-N-methylpyridine-3-carboxamide
4 water water
#
_entity_poly.entity_id   1
_entity_poly.type   'polypeptide(L)'
_entity_poly.pdbx_seq_one_letter_code
;GSTEGKGSGLQGHIIENPQYFSDACVHHIKRRDIVLKWELGEGAFGKVFLAECHNLLPEQDKMLVAVKALKEASESARQD
FQREAELLTMLQHQHIVRFFGVCTEGRPLLMVFEYMRHGDLNRFLRSHGPDAKLLAGGEDVAPGPLGLGQLLAVASQVAA
GMVYLAGLHFVHRDLATRNCLVGQGLVVKIGDFGMSRDIYSTDYYRVGGRTMLPIRWMPPESILYRKFTTESDVWSFGVV
LWEIFTYGKQPWYQLSNTEAIDCITQGRELERPRACPPEVYAIMRGCWQREPQQRHSIKDVHARLQALAQAPPVYLDVLG
;
_entity_poly.pdbx_strand_id   A
#
loop_
_chem_comp.id
_chem_comp.type
_chem_comp.name
_chem_comp.formula
22L non-polymer 5-phenylthieno[2,3-d]pyrimidin-4(3H)-one 'C12 H8 N2 O S'
GOD non-polymer 6-amino-5-{[(3S)-4,4-difluoro-1-{[4-(trifluoromethoxy)phenyl]acetyl}pyrrolidin-3-yl]oxy}-N-methylpyridine-3-carboxamide 'C20 H19 F5 N4 O4'
#
# COMPACT_ATOMS: atom_id res chain seq x y z
N ALA A 24 4.76 20.93 0.89
CA ALA A 24 5.31 22.19 1.38
C ALA A 24 4.22 23.11 1.96
N CYS A 25 3.41 23.77 1.09
CA CYS A 25 2.33 24.65 1.52
C CYS A 25 1.01 23.90 1.53
N VAL A 26 0.57 23.54 2.73
CA VAL A 26 -0.62 22.76 3.05
C VAL A 26 -1.90 23.54 2.81
N HIS A 27 -2.83 22.95 2.03
CA HIS A 27 -4.12 23.55 1.79
C HIS A 27 -5.06 23.37 3.01
N HIS A 28 -5.75 24.44 3.43
CA HIS A 28 -6.71 24.40 4.53
C HIS A 28 -8.13 24.42 4.02
N ILE A 29 -8.91 23.44 4.44
CA ILE A 29 -10.30 23.24 4.03
C ILE A 29 -11.18 23.65 5.20
N LYS A 30 -12.23 24.43 4.91
CA LYS A 30 -13.19 24.88 5.92
C LYS A 30 -14.01 23.68 6.41
N ARG A 31 -14.20 23.58 7.75
CA ARG A 31 -15.00 22.53 8.38
C ARG A 31 -16.39 22.37 7.71
N ARG A 32 -17.06 23.49 7.45
CA ARG A 32 -18.41 23.49 6.88
C ARG A 32 -18.43 23.08 5.41
N ASP A 33 -17.25 22.95 4.77
CA ASP A 33 -17.19 22.40 3.41
C ASP A 33 -17.13 20.85 3.40
N ILE A 34 -17.01 20.23 4.58
CA ILE A 34 -16.94 18.76 4.75
C ILE A 34 -18.28 18.31 5.37
N VAL A 35 -18.92 17.34 4.74
CA VAL A 35 -20.18 16.78 5.23
C VAL A 35 -19.93 15.27 5.41
N LEU A 36 -19.85 14.80 6.67
CA LEU A 36 -19.57 13.42 7.02
C LEU A 36 -20.76 12.55 6.66
N LYS A 37 -20.51 11.44 5.95
CA LYS A 37 -21.58 10.60 5.44
C LYS A 37 -21.65 9.21 6.04
N TRP A 38 -20.50 8.61 6.39
CA TRP A 38 -20.40 7.27 6.93
C TRP A 38 -19.01 7.04 7.53
N GLU A 39 -18.87 6.08 8.43
CA GLU A 39 -17.58 5.70 9.01
C GLU A 39 -17.04 4.51 8.22
N LEU A 40 -15.86 4.68 7.62
CA LEU A 40 -15.20 3.62 6.80
C LEU A 40 -14.37 2.69 7.67
N GLY A 41 -13.86 3.19 8.79
CA GLY A 41 -13.05 2.43 9.74
C GLY A 41 -12.54 3.26 10.88
N GLU A 42 -11.85 2.60 11.81
CA GLU A 42 -11.28 3.23 12.99
C GLU A 42 -10.11 2.45 13.58
N GLY A 43 -9.22 3.17 14.22
CA GLY A 43 -8.06 2.64 14.90
C GLY A 43 -7.86 3.36 16.22
N ALA A 44 -6.70 3.15 16.86
CA ALA A 44 -6.39 3.82 18.12
C ALA A 44 -6.20 5.33 17.91
N PHE A 45 -5.79 5.74 16.67
CA PHE A 45 -5.58 7.13 16.20
C PHE A 45 -6.87 7.97 16.09
N GLY A 46 -7.98 7.31 15.83
CA GLY A 46 -9.26 7.94 15.57
C GLY A 46 -10.05 7.22 14.50
N LYS A 47 -10.73 7.97 13.63
CA LYS A 47 -11.63 7.41 12.64
C LYS A 47 -11.35 7.83 11.20
N VAL A 48 -11.88 7.03 10.25
CA VAL A 48 -11.83 7.32 8.82
C VAL A 48 -13.26 7.41 8.35
N PHE A 49 -13.64 8.53 7.72
CA PHE A 49 -15.01 8.75 7.26
C PHE A 49 -15.09 8.90 5.74
N LEU A 50 -16.23 8.53 5.18
CA LEU A 50 -16.61 8.84 3.83
C LEU A 50 -17.27 10.22 4.00
N ALA A 51 -16.88 11.19 3.18
CA ALA A 51 -17.48 12.52 3.24
C ALA A 51 -17.69 13.12 1.86
N GLU A 52 -18.50 14.18 1.80
CA GLU A 52 -18.69 15.01 0.61
C GLU A 52 -17.90 16.28 0.91
N CYS A 53 -17.06 16.72 -0.03
CA CYS A 53 -16.32 17.97 0.15
C CYS A 53 -16.77 18.97 -0.92
N HIS A 54 -17.13 20.18 -0.47
CA HIS A 54 -17.57 21.29 -1.32
C HIS A 54 -16.36 22.21 -1.60
N ASN A 55 -16.40 22.89 -2.76
CA ASN A 55 -15.41 23.87 -3.24
C ASN A 55 -13.99 23.37 -3.18
N LEU A 56 -13.75 22.16 -3.73
CA LEU A 56 -12.43 21.53 -3.71
C LEU A 56 -11.83 21.39 -5.11
N LEU A 57 -12.55 20.73 -6.03
CA LEU A 57 -12.11 20.55 -7.42
C LEU A 57 -13.02 21.34 -8.36
N PRO A 58 -12.48 21.89 -9.49
CA PRO A 58 -13.34 22.64 -10.43
C PRO A 58 -14.37 21.76 -11.12
N GLU A 59 -15.54 22.35 -11.44
CA GLU A 59 -16.67 21.68 -12.12
C GLU A 59 -17.32 20.56 -11.25
N GLN A 60 -16.88 20.44 -9.97
CA GLN A 60 -17.38 19.44 -9.00
C GLN A 60 -17.79 20.12 -7.67
N ASP A 61 -19.00 20.72 -7.66
CA ASP A 61 -19.61 21.44 -6.52
C ASP A 61 -19.70 20.59 -5.24
N LYS A 62 -19.70 19.26 -5.41
CA LYS A 62 -19.77 18.21 -4.39
C LYS A 62 -18.97 17.02 -4.96
N MET A 63 -18.12 16.40 -4.11
CA MET A 63 -17.28 15.25 -4.46
C MET A 63 -16.98 14.39 -3.24
N LEU A 64 -16.87 13.06 -3.45
CA LEU A 64 -16.58 12.11 -2.39
C LEU A 64 -15.12 12.17 -1.98
N VAL A 65 -14.85 12.09 -0.69
CA VAL A 65 -13.49 12.14 -0.13
C VAL A 65 -13.47 11.17 1.03
N ALA A 66 -12.26 10.75 1.42
CA ALA A 66 -12.03 9.94 2.62
C ALA A 66 -11.39 10.92 3.61
N VAL A 67 -11.94 10.99 4.84
CA VAL A 67 -11.45 11.92 5.86
C VAL A 67 -10.87 11.14 7.05
N LYS A 68 -9.56 11.34 7.31
CA LYS A 68 -8.89 10.74 8.46
C LYS A 68 -8.94 11.77 9.61
N ALA A 69 -9.61 11.41 10.71
CA ALA A 69 -9.80 12.26 11.90
C ALA A 69 -8.97 11.79 13.09
N LEU A 70 -8.07 12.64 13.57
CA LEU A 70 -7.19 12.34 14.70
C LEU A 70 -7.83 12.64 16.06
N LYS A 71 -7.90 11.63 16.94
CA LYS A 71 -8.48 11.73 18.29
C LYS A 71 -7.69 12.73 19.18
N GLU A 72 -6.34 12.64 19.18
CA GLU A 72 -5.43 13.48 19.98
C GLU A 72 -5.23 14.88 19.39
N ALA A 73 -5.43 15.91 20.23
CA ALA A 73 -5.26 17.31 19.81
C ALA A 73 -4.09 18.05 20.54
N SER A 74 -3.20 17.28 21.21
CA SER A 74 -2.03 17.80 21.93
C SER A 74 -1.01 18.48 20.99
N GLU A 75 -0.24 19.45 21.53
CA GLU A 75 0.77 20.21 20.78
C GLU A 75 1.83 19.33 20.08
N SER A 76 2.09 18.12 20.62
CA SER A 76 3.02 17.15 20.02
C SER A 76 2.35 16.43 18.84
N ALA A 77 1.03 16.09 18.98
CA ALA A 77 0.23 15.43 17.94
C ALA A 77 0.01 16.40 16.78
N ARG A 78 -0.24 17.70 17.11
CA ARG A 78 -0.44 18.79 16.14
C ARG A 78 0.79 19.01 15.27
N GLN A 79 2.01 18.92 15.89
CA GLN A 79 3.30 19.09 15.21
C GLN A 79 3.61 17.93 14.24
N ASP A 80 3.35 16.69 14.67
CA ASP A 80 3.52 15.49 13.83
C ASP A 80 2.50 15.46 12.67
N PHE A 81 1.30 15.99 12.92
CA PHE A 81 0.22 16.09 11.96
C PHE A 81 0.65 17.05 10.83
N GLN A 82 1.21 18.24 11.23
CA GLN A 82 1.72 19.29 10.33
C GLN A 82 2.86 18.76 9.44
N ARG A 83 3.78 17.99 10.04
CA ARG A 83 4.91 17.34 9.41
C ARG A 83 4.40 16.36 8.34
N GLU A 84 3.44 15.49 8.73
CA GLU A 84 2.81 14.50 7.86
C GLU A 84 2.07 15.19 6.70
N ALA A 85 1.25 16.23 6.99
CA ALA A 85 0.50 17.01 6.00
C ALA A 85 1.42 17.65 4.93
N GLU A 86 2.58 18.16 5.36
CA GLU A 86 3.57 18.79 4.49
C GLU A 86 4.17 17.76 3.55
N LEU A 87 4.53 16.57 4.10
CA LEU A 87 5.08 15.45 3.34
C LEU A 87 4.04 14.95 2.31
N LEU A 88 2.79 14.78 2.77
CA LEU A 88 1.70 14.36 1.90
C LEU A 88 1.44 15.35 0.77
N THR A 89 1.60 16.67 1.05
CA THR A 89 1.43 17.73 0.04
C THR A 89 2.49 17.56 -1.08
N MET A 90 3.74 17.21 -0.71
CA MET A 90 4.88 17.04 -1.65
C MET A 90 4.68 15.88 -2.62
N LEU A 91 4.23 14.70 -2.11
CA LEU A 91 4.03 13.50 -2.92
C LEU A 91 2.94 13.72 -3.96
N GLN A 92 3.31 13.74 -5.24
CA GLN A 92 2.40 13.99 -6.36
C GLN A 92 2.69 12.97 -7.45
N HIS A 93 1.79 11.98 -7.59
CA HIS A 93 1.96 10.91 -8.58
C HIS A 93 0.65 10.22 -8.88
N GLN A 94 0.52 9.71 -10.11
CA GLN A 94 -0.60 8.93 -10.63
C GLN A 94 -0.92 7.71 -9.76
N HIS A 95 0.09 7.14 -9.07
CA HIS A 95 -0.15 5.90 -8.32
C HIS A 95 0.17 6.05 -6.85
N ILE A 96 0.01 7.28 -6.34
CA ILE A 96 0.06 7.66 -4.92
C ILE A 96 -1.32 8.29 -4.60
N VAL A 97 -2.03 7.77 -3.56
CA VAL A 97 -3.37 8.29 -3.12
C VAL A 97 -3.27 9.82 -2.95
N ARG A 98 -4.18 10.59 -3.60
CA ARG A 98 -4.12 12.05 -3.57
C ARG A 98 -4.54 12.63 -2.22
N PHE A 99 -3.77 13.61 -1.73
CA PHE A 99 -4.04 14.36 -0.49
C PHE A 99 -4.57 15.75 -0.89
N PHE A 100 -5.71 16.19 -0.32
CA PHE A 100 -6.32 17.48 -0.69
C PHE A 100 -6.12 18.60 0.32
N GLY A 101 -5.71 18.26 1.53
CA GLY A 101 -5.51 19.27 2.56
C GLY A 101 -6.01 18.91 3.95
N VAL A 102 -5.98 19.89 4.85
CA VAL A 102 -6.33 19.69 6.25
C VAL A 102 -7.47 20.54 6.73
N CYS A 103 -7.99 20.19 7.90
CA CYS A 103 -8.94 21.01 8.62
C CYS A 103 -8.50 20.95 10.06
N THR A 104 -7.97 22.10 10.54
CA THR A 104 -7.44 22.25 11.90
C THR A 104 -8.30 23.24 12.70
N GLU A 105 -9.64 23.23 12.44
CA GLU A 105 -10.64 24.06 13.12
C GLU A 105 -11.09 23.33 14.40
N GLY A 106 -10.18 23.24 15.35
CA GLY A 106 -10.43 22.53 16.60
C GLY A 106 -10.35 21.03 16.43
N ARG A 107 -10.65 20.30 17.50
CA ARG A 107 -10.58 18.85 17.58
C ARG A 107 -11.81 18.16 16.93
N PRO A 108 -11.68 17.05 16.16
CA PRO A 108 -10.43 16.38 15.72
C PRO A 108 -9.77 17.03 14.51
N LEU A 109 -8.44 16.96 14.44
CA LEU A 109 -7.66 17.41 13.27
C LEU A 109 -8.04 16.47 12.10
N LEU A 110 -8.38 17.05 10.94
CA LEU A 110 -8.81 16.29 9.76
C LEU A 110 -7.82 16.35 8.59
N MET A 111 -7.62 15.21 7.92
CA MET A 111 -6.83 15.06 6.72
C MET A 111 -7.80 14.58 5.65
N VAL A 112 -7.81 15.27 4.50
CA VAL A 112 -8.75 15.00 3.39
C VAL A 112 -8.00 14.36 2.22
N PHE A 113 -8.48 13.19 1.79
CA PHE A 113 -7.88 12.44 0.69
C PHE A 113 -8.94 12.13 -0.34
N GLU A 114 -8.55 11.78 -1.58
CA GLU A 114 -9.53 11.31 -2.56
C GLU A 114 -10.17 10.00 -2.01
N TYR A 115 -11.41 9.73 -2.36
CA TYR A 115 -12.04 8.50 -1.90
C TYR A 115 -11.75 7.41 -2.95
N MET A 116 -11.17 6.26 -2.53
CA MET A 116 -10.84 5.13 -3.41
C MET A 116 -11.99 4.18 -3.27
N ARG A 117 -12.91 4.22 -4.22
CA ARG A 117 -14.20 3.52 -4.17
C ARG A 117 -14.15 1.98 -4.03
N HIS A 118 -13.02 1.32 -4.32
CA HIS A 118 -12.98 -0.14 -4.15
C HIS A 118 -12.20 -0.58 -2.91
N GLY A 119 -11.82 0.37 -2.04
CA GLY A 119 -11.18 0.06 -0.77
C GLY A 119 -9.75 -0.42 -0.93
N ASP A 120 -9.26 -1.10 0.09
CA ASP A 120 -7.88 -1.58 0.12
C ASP A 120 -7.70 -2.76 -0.83
N LEU A 121 -6.49 -2.85 -1.44
CA LEU A 121 -6.18 -3.91 -2.42
C LEU A 121 -6.29 -5.32 -1.84
N ASN A 122 -5.92 -5.52 -0.55
CA ASN A 122 -6.03 -6.86 0.03
C ASN A 122 -7.45 -7.41 -0.01
N ARG A 123 -8.42 -6.59 0.44
CA ARG A 123 -9.85 -6.94 0.43
C ARG A 123 -10.35 -7.11 -1.01
N PHE A 124 -9.96 -6.18 -1.92
CA PHE A 124 -10.32 -6.25 -3.35
C PHE A 124 -9.84 -7.56 -4.00
N LEU A 125 -8.57 -7.98 -3.75
CA LEU A 125 -8.01 -9.22 -4.31
C LEU A 125 -8.83 -10.43 -3.81
N ARG A 126 -9.12 -10.48 -2.51
CA ARG A 126 -9.89 -11.58 -1.90
C ARG A 126 -11.35 -11.63 -2.42
N SER A 127 -11.97 -10.45 -2.67
CA SER A 127 -13.34 -10.40 -3.18
C SER A 127 -13.42 -10.68 -4.70
N HIS A 128 -12.28 -10.65 -5.41
CA HIS A 128 -12.23 -10.94 -6.84
C HIS A 128 -11.34 -12.14 -7.08
N GLY A 129 -11.26 -13.02 -6.08
CA GLY A 129 -10.47 -14.24 -6.10
C GLY A 129 -11.28 -15.48 -6.43
N PRO A 130 -10.61 -16.64 -6.67
CA PRO A 130 -11.35 -17.88 -7.02
C PRO A 130 -12.37 -18.35 -5.99
N ASP A 131 -12.18 -17.97 -4.70
CA ASP A 131 -13.08 -18.25 -3.57
C ASP A 131 -14.31 -17.34 -3.67
N GLY A 144 -16.22 -11.90 -11.84
CA GLY A 144 -15.63 -13.11 -11.29
C GLY A 144 -14.16 -12.94 -10.91
N PRO A 145 -13.30 -13.94 -11.16
CA PRO A 145 -11.89 -13.80 -10.78
C PRO A 145 -11.08 -12.91 -11.72
N LEU A 146 -10.13 -12.13 -11.16
CA LEU A 146 -9.25 -11.28 -11.98
C LEU A 146 -8.40 -12.18 -12.86
N GLY A 147 -8.25 -11.80 -14.13
CA GLY A 147 -7.42 -12.52 -15.07
C GLY A 147 -5.95 -12.16 -14.93
N LEU A 148 -5.08 -12.91 -15.61
CA LEU A 148 -3.63 -12.70 -15.60
C LEU A 148 -3.23 -11.27 -16.00
N GLY A 149 -3.89 -10.72 -17.01
CA GLY A 149 -3.63 -9.38 -17.51
C GLY A 149 -3.94 -8.31 -16.49
N GLN A 150 -5.07 -8.49 -15.75
CA GLN A 150 -5.49 -7.61 -14.66
C GLN A 150 -4.53 -7.71 -13.49
N LEU A 151 -4.04 -8.93 -13.15
CA LEU A 151 -3.09 -9.08 -12.03
C LEU A 151 -1.77 -8.38 -12.34
N LEU A 152 -1.30 -8.48 -13.60
CA LEU A 152 -0.06 -7.80 -14.07
C LEU A 152 -0.19 -6.27 -14.07
N ALA A 153 -1.38 -5.73 -14.41
CA ALA A 153 -1.65 -4.30 -14.42
C ALA A 153 -1.65 -3.80 -12.96
N VAL A 154 -2.22 -4.57 -12.02
CA VAL A 154 -2.22 -4.18 -10.58
C VAL A 154 -0.75 -4.05 -10.07
N ALA A 155 0.05 -5.09 -10.36
CA ALA A 155 1.45 -5.20 -9.96
C ALA A 155 2.30 -4.08 -10.56
N SER A 156 2.10 -3.77 -11.86
CA SER A 156 2.80 -2.71 -12.57
C SER A 156 2.51 -1.31 -11.96
N GLN A 157 1.24 -1.03 -11.63
CA GLN A 157 0.80 0.23 -11.01
C GLN A 157 1.40 0.40 -9.59
N VAL A 158 1.47 -0.68 -8.78
CA VAL A 158 2.11 -0.60 -7.44
C VAL A 158 3.63 -0.32 -7.64
N ALA A 159 4.26 -0.99 -8.61
CA ALA A 159 5.67 -0.78 -8.93
C ALA A 159 5.92 0.66 -9.37
N ALA A 160 5.02 1.26 -10.21
CA ALA A 160 5.17 2.64 -10.66
C ALA A 160 5.20 3.64 -9.49
N GLY A 161 4.24 3.52 -8.54
CA GLY A 161 4.24 4.36 -7.35
C GLY A 161 5.51 4.24 -6.54
N MET A 162 6.07 3.01 -6.44
CA MET A 162 7.31 2.75 -5.69
CA MET A 162 7.31 2.73 -5.70
C MET A 162 8.53 3.34 -6.39
N VAL A 163 8.51 3.42 -7.74
CA VAL A 163 9.61 4.02 -8.53
C VAL A 163 9.67 5.51 -8.15
N TYR A 164 8.49 6.14 -8.04
CA TYR A 164 8.33 7.56 -7.68
C TYR A 164 8.88 7.77 -6.25
N LEU A 165 8.46 6.94 -5.28
CA LEU A 165 8.94 7.04 -3.89
C LEU A 165 10.46 6.82 -3.81
N ALA A 166 11.00 5.79 -4.50
CA ALA A 166 12.47 5.55 -4.51
C ALA A 166 13.25 6.73 -5.10
N GLY A 167 12.70 7.37 -6.12
CA GLY A 167 13.29 8.57 -6.73
C GLY A 167 13.45 9.73 -5.76
N LEU A 168 12.52 9.86 -4.78
CA LEU A 168 12.55 10.89 -3.73
C LEU A 168 13.31 10.44 -2.49
N HIS A 169 13.86 9.20 -2.51
CA HIS A 169 14.58 8.58 -1.39
C HIS A 169 13.63 8.32 -0.21
N PHE A 170 12.33 8.20 -0.51
CA PHE A 170 11.28 7.94 0.46
C PHE A 170 11.16 6.42 0.64
N VAL A 171 11.23 5.99 1.92
CA VAL A 171 11.10 4.60 2.34
C VAL A 171 9.70 4.48 3.01
N HIS A 172 8.82 3.63 2.43
CA HIS A 172 7.45 3.40 2.93
C HIS A 172 7.43 2.72 4.29
N ARG A 173 8.18 1.60 4.44
CA ARG A 173 8.31 0.79 5.67
C ARG A 173 7.13 -0.14 5.96
N ASP A 174 5.97 0.07 5.28
CA ASP A 174 4.80 -0.82 5.47
C ASP A 174 4.11 -1.09 4.12
N LEU A 175 4.92 -1.49 3.15
CA LEU A 175 4.37 -1.81 1.86
C LEU A 175 3.73 -3.19 1.89
N ALA A 176 2.44 -3.24 1.57
CA ALA A 176 1.60 -4.44 1.64
C ALA A 176 0.32 -4.12 0.91
N THR A 177 -0.44 -5.14 0.45
CA THR A 177 -1.67 -4.85 -0.31
C THR A 177 -2.72 -4.16 0.55
N ARG A 178 -2.69 -4.38 1.90
CA ARG A 178 -3.61 -3.71 2.84
C ARG A 178 -3.41 -2.17 2.79
N ASN A 179 -2.19 -1.70 2.39
CA ASN A 179 -1.86 -0.28 2.29
C ASN A 179 -1.93 0.26 0.87
N CYS A 180 -2.47 -0.54 -0.08
CA CYS A 180 -2.69 -0.10 -1.46
C CYS A 180 -4.19 0.05 -1.58
N LEU A 181 -4.64 0.90 -2.48
CA LEU A 181 -6.06 1.18 -2.66
C LEU A 181 -6.44 1.15 -4.12
N VAL A 182 -7.71 0.79 -4.38
CA VAL A 182 -8.26 0.63 -5.72
C VAL A 182 -9.37 1.64 -5.89
N GLY A 183 -9.24 2.43 -6.93
CA GLY A 183 -10.21 3.45 -7.28
C GLY A 183 -10.99 3.10 -8.52
N GLN A 184 -11.57 4.11 -9.16
CA GLN A 184 -12.36 3.93 -10.37
C GLN A 184 -11.53 3.46 -11.58
N GLY A 185 -11.99 2.38 -12.22
CA GLY A 185 -11.39 1.77 -13.40
C GLY A 185 -10.18 0.89 -13.14
N LEU A 186 -10.13 0.23 -11.95
CA LEU A 186 -9.01 -0.63 -11.53
C LEU A 186 -7.71 0.21 -11.37
N VAL A 187 -7.83 1.52 -11.06
CA VAL A 187 -6.62 2.32 -10.82
C VAL A 187 -6.15 1.95 -9.41
N VAL A 188 -4.87 1.57 -9.29
CA VAL A 188 -4.31 1.16 -8.01
C VAL A 188 -3.29 2.17 -7.60
N LYS A 189 -3.38 2.61 -6.35
CA LYS A 189 -2.47 3.60 -5.76
C LYS A 189 -1.90 3.13 -4.41
N ILE A 190 -0.73 3.64 -4.06
CA ILE A 190 -0.13 3.35 -2.76
C ILE A 190 -0.61 4.42 -1.77
N GLY A 191 -0.97 3.97 -0.58
CA GLY A 191 -1.35 4.77 0.58
C GLY A 191 -0.74 4.22 1.86
N ASP A 192 -1.41 4.46 2.98
CA ASP A 192 -1.00 4.00 4.31
C ASP A 192 -2.13 4.33 5.24
N PHE A 193 -2.76 3.31 5.85
CA PHE A 193 -3.87 3.55 6.77
C PHE A 193 -3.35 3.93 8.17
N GLY A 194 -2.03 3.78 8.38
CA GLY A 194 -1.39 4.08 9.66
C GLY A 194 -1.63 3.00 10.70
N ARG A 197 -5.11 0.40 10.47
CA ARG A 197 -6.16 0.88 11.38
C ARG A 197 -6.47 -0.13 12.49
N ASP A 198 -7.43 -1.05 12.27
CA ASP A 198 -7.84 -2.03 13.29
C ASP A 198 -8.03 -3.46 12.77
N ILE A 199 -8.64 -3.63 11.57
CA ILE A 199 -8.92 -4.93 10.94
C ILE A 199 -7.66 -5.76 10.59
N TYR A 200 -6.48 -5.12 10.53
CA TYR A 200 -5.26 -5.82 10.15
C TYR A 200 -4.18 -5.94 11.25
N SER A 201 -4.59 -6.06 12.53
CA SER A 201 -3.61 -6.22 13.62
C SER A 201 -2.98 -7.63 13.63
N THR A 202 -3.56 -8.57 12.84
CA THR A 202 -3.04 -9.92 12.63
C THR A 202 -1.73 -9.87 11.79
N ASP A 203 -1.55 -8.77 11.01
CA ASP A 203 -0.41 -8.50 10.13
C ASP A 203 0.78 -7.87 10.83
N TYR A 204 0.63 -7.56 12.13
CA TYR A 204 1.71 -6.94 12.90
C TYR A 204 2.01 -7.71 14.18
N TYR A 205 3.31 -7.75 14.54
CA TYR A 205 3.83 -8.42 15.71
C TYR A 205 4.68 -7.46 16.58
N ARG A 206 4.40 -7.43 17.90
CA ARG A 206 5.13 -6.61 18.88
C ARG A 206 6.28 -7.38 19.50
N THR A 211 6.92 -1.99 19.77
CA THR A 211 6.54 -1.44 18.46
C THR A 211 6.05 -2.56 17.52
N MET A 212 4.89 -2.34 16.88
CA MET A 212 4.25 -3.27 15.93
C MET A 212 5.02 -3.34 14.61
N LEU A 213 5.48 -4.55 14.23
CA LEU A 213 6.24 -4.74 13.00
C LEU A 213 5.51 -5.67 12.02
N PRO A 214 5.34 -5.24 10.73
CA PRO A 214 4.72 -6.14 9.71
C PRO A 214 5.75 -7.19 9.26
N ILE A 215 6.17 -8.09 10.20
CA ILE A 215 7.26 -9.07 10.02
C ILE A 215 7.17 -9.94 8.75
N ARG A 216 5.96 -10.35 8.30
CA ARG A 216 5.87 -11.21 7.10
C ARG A 216 6.28 -10.53 5.77
N TRP A 217 6.28 -9.19 5.74
CA TRP A 217 6.65 -8.37 4.59
C TRP A 217 8.09 -7.84 4.69
N MET A 218 8.78 -8.12 5.83
CA MET A 218 10.12 -7.61 6.09
C MET A 218 11.29 -8.51 5.68
N PRO A 219 12.41 -7.92 5.19
CA PRO A 219 13.58 -8.73 4.86
C PRO A 219 14.38 -9.11 6.13
N PRO A 220 15.41 -9.98 6.08
CA PRO A 220 16.14 -10.31 7.32
C PRO A 220 16.80 -9.12 8.02
N GLU A 221 17.42 -8.17 7.27
CA GLU A 221 18.07 -7.01 7.88
C GLU A 221 17.11 -6.07 8.65
N SER A 222 15.82 -6.00 8.27
CA SER A 222 14.81 -5.20 8.98
C SER A 222 14.32 -5.93 10.25
N ILE A 223 14.14 -7.27 10.19
CA ILE A 223 13.68 -8.04 11.37
C ILE A 223 14.77 -8.03 12.48
N LEU A 224 16.02 -8.31 12.09
CA LEU A 224 17.19 -8.42 12.95
C LEU A 224 17.70 -7.07 13.43
N TYR A 225 17.86 -6.10 12.52
CA TYR A 225 18.48 -4.80 12.86
C TYR A 225 17.58 -3.57 12.83
N ARG A 226 16.28 -3.69 12.47
CA ARG A 226 15.36 -2.55 12.34
C ARG A 226 15.86 -1.50 11.31
N LYS A 227 16.63 -1.98 10.30
CA LYS A 227 17.19 -1.20 9.20
C LYS A 227 16.17 -1.18 8.04
N PHE A 228 15.56 -0.01 7.78
CA PHE A 228 14.58 0.17 6.69
C PHE A 228 15.12 1.07 5.58
N THR A 229 15.20 0.55 4.34
CA THR A 229 15.73 1.27 3.18
C THR A 229 14.90 0.98 1.91
N THR A 230 15.34 1.57 0.78
CA THR A 230 14.78 1.40 -0.56
CA THR A 230 14.70 1.36 -0.52
C THR A 230 14.83 -0.11 -0.88
N GLU A 231 15.90 -0.81 -0.39
CA GLU A 231 16.16 -2.24 -0.57
C GLU A 231 15.16 -3.08 0.20
N SER A 232 14.78 -2.65 1.44
CA SER A 232 13.78 -3.39 2.20
C SER A 232 12.39 -3.18 1.56
N ASP A 233 12.15 -2.01 0.92
CA ASP A 233 10.88 -1.76 0.19
C ASP A 233 10.78 -2.69 -1.01
N VAL A 234 11.91 -2.94 -1.71
CA VAL A 234 11.98 -3.88 -2.86
C VAL A 234 11.57 -5.32 -2.41
N TRP A 235 12.09 -5.79 -1.26
CA TRP A 235 11.75 -7.09 -0.66
C TRP A 235 10.24 -7.12 -0.37
N SER A 236 9.69 -6.07 0.28
CA SER A 236 8.27 -5.98 0.56
C SER A 236 7.43 -6.01 -0.74
N PHE A 237 7.97 -5.45 -1.85
CA PHE A 237 7.30 -5.48 -3.15
C PHE A 237 7.22 -6.89 -3.69
N GLY A 238 8.29 -7.68 -3.48
CA GLY A 238 8.32 -9.09 -3.83
C GLY A 238 7.18 -9.82 -3.12
N VAL A 239 6.95 -9.50 -1.83
CA VAL A 239 5.86 -10.10 -1.03
C VAL A 239 4.50 -9.58 -1.55
N VAL A 240 4.43 -8.29 -1.94
CA VAL A 240 3.19 -7.69 -2.53
C VAL A 240 2.82 -8.45 -3.81
N LEU A 241 3.83 -8.78 -4.66
CA LEU A 241 3.66 -9.56 -5.87
C LEU A 241 3.06 -10.90 -5.53
N TRP A 242 3.58 -11.57 -4.47
CA TRP A 242 3.08 -12.87 -4.03
C TRP A 242 1.61 -12.73 -3.56
N GLU A 243 1.28 -11.64 -2.80
CA GLU A 243 -0.10 -11.42 -2.37
C GLU A 243 -1.01 -11.24 -3.57
N ILE A 244 -0.56 -10.49 -4.59
CA ILE A 244 -1.39 -10.28 -5.79
C ILE A 244 -1.73 -11.62 -6.47
N PHE A 245 -0.69 -12.45 -6.72
CA PHE A 245 -0.84 -13.71 -7.44
C PHE A 245 -1.46 -14.86 -6.60
N THR A 246 -1.70 -14.64 -5.29
CA THR A 246 -2.44 -15.60 -4.44
C THR A 246 -3.83 -15.04 -4.13
N TYR A 247 -4.21 -13.93 -4.81
CA TYR A 247 -5.49 -13.25 -4.57
C TYR A 247 -5.65 -12.79 -3.09
N GLY A 248 -4.56 -12.28 -2.52
CA GLY A 248 -4.60 -11.71 -1.17
C GLY A 248 -4.38 -12.62 0.02
N LYS A 249 -3.76 -13.78 -0.18
CA LYS A 249 -3.47 -14.67 0.94
C LYS A 249 -2.33 -14.08 1.78
N GLN A 250 -2.35 -14.41 3.07
CA GLN A 250 -1.35 -14.05 4.06
C GLN A 250 0.00 -14.76 3.79
N PRO A 251 1.15 -14.05 3.65
CA PRO A 251 2.44 -14.75 3.47
C PRO A 251 2.76 -15.62 4.69
N TRP A 252 3.17 -16.88 4.44
CA TRP A 252 3.43 -17.88 5.48
C TRP A 252 2.17 -18.12 6.36
N TYR A 253 0.95 -18.13 5.75
CA TYR A 253 -0.32 -18.27 6.49
C TYR A 253 -0.41 -19.53 7.37
N GLN A 254 0.35 -20.57 7.05
CA GLN A 254 0.35 -21.81 7.81
C GLN A 254 1.13 -21.66 9.14
N LEU A 255 1.89 -20.55 9.30
CA LEU A 255 2.78 -20.34 10.43
C LEU A 255 2.44 -19.15 11.33
N SER A 256 2.86 -19.26 12.60
CA SER A 256 2.71 -18.20 13.57
C SER A 256 3.83 -17.18 13.26
N ASN A 257 3.73 -15.96 13.83
CA ASN A 257 4.70 -14.88 13.64
C ASN A 257 6.15 -15.28 13.91
N THR A 258 6.39 -16.04 15.01
CA THR A 258 7.71 -16.55 15.42
C THR A 258 8.29 -17.52 14.38
N GLU A 259 7.44 -18.45 13.86
CA GLU A 259 7.88 -19.42 12.85
C GLU A 259 8.20 -18.72 11.53
N ALA A 260 7.42 -17.68 11.16
CA ALA A 260 7.63 -16.92 9.93
C ALA A 260 8.99 -16.17 9.98
N ILE A 261 9.37 -15.63 11.17
CA ILE A 261 10.65 -14.94 11.40
C ILE A 261 11.79 -15.91 11.10
N ASP A 262 11.67 -17.17 11.58
CA ASP A 262 12.63 -18.24 11.37
C ASP A 262 12.76 -18.53 9.88
N CYS A 263 11.63 -18.68 9.15
CA CYS A 263 11.65 -18.90 7.69
C CYS A 263 12.39 -17.78 6.98
N ILE A 264 12.00 -16.51 7.27
CA ILE A 264 12.61 -15.32 6.67
C ILE A 264 14.12 -15.25 6.98
N THR A 265 14.50 -15.29 8.27
CA THR A 265 15.92 -15.17 8.67
C THR A 265 16.75 -16.40 8.28
N GLN A 266 16.13 -17.58 8.01
CA GLN A 266 16.89 -18.78 7.58
C GLN A 266 17.05 -18.89 6.06
N GLY A 267 16.42 -17.99 5.31
CA GLY A 267 16.51 -18.00 3.85
C GLY A 267 15.47 -18.83 3.13
N ARG A 268 14.37 -19.20 3.83
CA ARG A 268 13.27 -19.95 3.21
C ARG A 268 12.49 -18.99 2.29
N GLU A 269 11.98 -19.49 1.15
CA GLU A 269 11.25 -18.67 0.19
C GLU A 269 9.82 -19.12 -0.02
N LEU A 270 8.89 -18.15 -0.13
CA LEU A 270 7.49 -18.42 -0.46
C LEU A 270 7.46 -19.12 -1.81
N GLU A 271 6.63 -20.16 -1.92
CA GLU A 271 6.52 -20.92 -3.15
C GLU A 271 5.78 -20.14 -4.25
N ARG A 272 5.97 -20.57 -5.52
CA ARG A 272 5.29 -19.97 -6.64
C ARG A 272 3.77 -20.17 -6.57
N PRO A 273 2.98 -19.07 -6.53
CA PRO A 273 1.51 -19.22 -6.60
C PRO A 273 1.07 -19.85 -7.94
N ARG A 274 -0.04 -20.58 -7.90
CA ARG A 274 -0.67 -21.29 -9.01
C ARG A 274 -1.01 -20.35 -10.18
N ALA A 275 -1.48 -19.12 -9.86
CA ALA A 275 -1.84 -18.09 -10.84
C ALA A 275 -0.61 -17.36 -11.36
N CYS A 276 0.55 -17.57 -10.72
CA CYS A 276 1.81 -16.90 -11.07
C CYS A 276 2.62 -17.61 -12.19
N PRO A 277 2.83 -16.94 -13.35
CA PRO A 277 3.69 -17.52 -14.38
C PRO A 277 5.16 -17.55 -13.93
N PRO A 278 5.96 -18.53 -14.41
CA PRO A 278 7.40 -18.57 -14.04
C PRO A 278 8.16 -17.26 -14.23
N GLU A 279 7.79 -16.44 -15.25
CA GLU A 279 8.42 -15.14 -15.53
C GLU A 279 8.20 -14.13 -14.39
N VAL A 280 7.01 -14.18 -13.71
CA VAL A 280 6.68 -13.24 -12.61
C VAL A 280 7.38 -13.73 -11.33
N TYR A 281 7.41 -15.07 -11.12
CA TYR A 281 8.08 -15.65 -9.97
C TYR A 281 9.56 -15.32 -9.97
N ALA A 282 10.20 -15.29 -11.17
CA ALA A 282 11.61 -14.92 -11.33
C ALA A 282 11.83 -13.45 -10.86
N ILE A 283 10.84 -12.55 -11.11
CA ILE A 283 10.85 -11.15 -10.65
C ILE A 283 10.74 -11.12 -9.13
N MET A 284 9.85 -11.93 -8.52
CA MET A 284 9.71 -12.01 -7.04
C MET A 284 11.02 -12.45 -6.39
N ARG A 285 11.65 -13.50 -6.95
CA ARG A 285 12.92 -14.03 -6.44
C ARG A 285 14.05 -13.00 -6.50
N GLY A 286 14.01 -12.13 -7.51
CA GLY A 286 14.96 -11.04 -7.66
C GLY A 286 14.79 -9.99 -6.57
N CYS A 287 13.56 -9.90 -5.99
CA CYS A 287 13.27 -8.96 -4.89
C CYS A 287 13.73 -9.51 -3.55
N TRP A 288 13.81 -10.84 -3.45
CA TRP A 288 14.09 -11.58 -2.22
C TRP A 288 15.51 -12.07 -2.03
N GLN A 289 16.51 -11.40 -2.62
CA GLN A 289 17.92 -11.77 -2.39
C GLN A 289 18.22 -11.49 -0.93
N ARG A 290 18.93 -12.41 -0.24
CA ARG A 290 19.22 -12.22 1.18
C ARG A 290 19.93 -10.89 1.45
N GLU A 291 20.99 -10.63 0.67
CA GLU A 291 21.80 -9.41 0.75
C GLU A 291 21.05 -8.25 0.11
N PRO A 292 20.84 -7.11 0.81
CA PRO A 292 20.12 -5.97 0.19
C PRO A 292 20.72 -5.46 -1.13
N GLN A 293 22.06 -5.48 -1.24
CA GLN A 293 22.82 -5.02 -2.40
C GLN A 293 22.65 -5.93 -3.63
N GLN A 294 22.18 -7.16 -3.44
CA GLN A 294 21.97 -8.05 -4.57
C GLN A 294 20.54 -8.02 -5.12
N ARG A 295 19.59 -7.34 -4.44
CA ARG A 295 18.22 -7.29 -4.95
C ARG A 295 18.14 -6.33 -6.16
N HIS A 296 17.21 -6.57 -7.10
CA HIS A 296 17.01 -5.67 -8.25
C HIS A 296 16.53 -4.29 -7.76
N SER A 297 16.78 -3.24 -8.57
CA SER A 297 16.25 -1.91 -8.29
C SER A 297 14.73 -1.94 -8.64
N ILE A 298 13.94 -1.09 -8.01
CA ILE A 298 12.51 -1.04 -8.28
C ILE A 298 12.20 -0.59 -9.74
N LYS A 299 13.06 0.30 -10.31
CA LYS A 299 12.90 0.81 -11.70
C LYS A 299 12.99 -0.37 -12.69
N ASP A 300 13.96 -1.27 -12.48
CA ASP A 300 14.12 -2.47 -13.28
C ASP A 300 12.94 -3.45 -13.08
N VAL A 301 12.50 -3.64 -11.82
CA VAL A 301 11.33 -4.51 -11.50
C VAL A 301 10.09 -3.92 -12.24
N HIS A 302 9.89 -2.60 -12.14
CA HIS A 302 8.77 -1.93 -12.81
C HIS A 302 8.82 -2.12 -14.33
N ALA A 303 10.01 -1.92 -14.95
CA ALA A 303 10.17 -2.07 -16.41
C ALA A 303 9.84 -3.50 -16.87
N ARG A 304 10.22 -4.53 -16.08
CA ARG A 304 9.93 -5.93 -16.43
C ARG A 304 8.41 -6.21 -16.34
N LEU A 305 7.76 -5.72 -15.24
CA LEU A 305 6.31 -5.90 -15.03
C LEU A 305 5.45 -5.18 -16.05
N GLN A 306 5.86 -3.95 -16.43
CA GLN A 306 5.16 -3.14 -17.41
C GLN A 306 5.17 -3.82 -18.79
N ALA A 307 6.33 -4.38 -19.18
CA ALA A 307 6.52 -5.17 -20.41
C ALA A 307 5.60 -6.40 -20.41
N LEU A 308 5.47 -7.11 -19.26
CA LEU A 308 4.57 -8.25 -19.19
C LEU A 308 3.09 -7.81 -19.12
N ALA A 309 2.78 -6.63 -18.56
CA ALA A 309 1.39 -6.15 -18.50
C ALA A 309 0.90 -5.77 -19.89
N GLN A 310 1.79 -5.23 -20.76
CA GLN A 310 1.43 -4.88 -22.14
C GLN A 310 1.33 -6.12 -23.05
N ALA A 311 2.13 -7.18 -22.76
CA ALA A 311 2.15 -8.43 -23.54
C ALA A 311 2.18 -9.67 -22.59
N PRO A 312 1.02 -10.03 -21.97
CA PRO A 312 1.03 -11.12 -21.00
C PRO A 312 1.51 -12.48 -21.52
N PRO A 313 2.36 -13.20 -20.75
CA PRO A 313 2.79 -14.54 -21.19
C PRO A 313 1.58 -15.44 -21.29
N VAL A 314 1.62 -16.40 -22.22
CA VAL A 314 0.53 -17.36 -22.36
C VAL A 314 0.68 -18.37 -21.23
N TYR A 315 -0.06 -18.12 -20.14
CA TYR A 315 0.01 -18.97 -18.95
C TYR A 315 -1.40 -19.18 -18.41
N LEU A 316 -1.74 -20.46 -18.19
CA LEU A 316 -3.03 -20.91 -17.68
C LEU A 316 -2.80 -21.53 -16.31
N ASP A 317 -3.33 -20.87 -15.24
CA ASP A 317 -3.18 -21.32 -13.85
C ASP A 317 -3.60 -22.78 -13.64
N VAL A 318 -4.69 -23.22 -14.29
CA VAL A 318 -5.22 -24.59 -14.26
C VAL A 318 -4.20 -25.64 -14.79
N LEU A 319 -3.29 -25.23 -15.69
CA LEU A 319 -2.26 -26.12 -16.24
C LEU A 319 -0.95 -26.05 -15.47
N GLY A 320 -0.86 -25.11 -14.52
CA GLY A 320 0.29 -24.91 -13.65
C GLY A 320 1.54 -24.39 -14.33
C1 22L B . -20.72 9.68 9.89
C2 22L B . -21.97 9.62 9.33
C3 22L B . -22.79 8.52 9.54
C7 22L B . -23.27 6.35 10.68
C8 22L B . -24.53 6.64 11.10
C10 22L B . -24.14 4.23 11.17
C11 22L B . -23.06 4.95 10.68
C12 22L B . -21.89 4.20 10.29
C15 22L B . -23.14 2.21 10.98
C4 22L B . -22.35 7.47 10.33
C5 22L B . -21.07 7.53 10.88
C6 22L B . -20.26 8.64 10.66
S9 22L B . -25.47 5.27 11.56
O13 22L B . -20.85 4.66 9.85
N14 22L B . -22.03 2.81 10.47
N16 22L B . -24.24 2.83 11.35
H1 22L B . -20.08 10.55 9.74
H2 22L B . -22.33 10.45 8.71
H3 22L B . -23.76 8.47 9.07
H4 22L B . -24.97 7.63 11.16
H5 22L B . -23.12 1.13 11.11
H6 22L B . -20.68 6.69 11.47
H7 22L B . -19.27 8.67 11.11
H8 22L B . -21.26 2.22 10.16
C4 GOD C . -11.03 4.78 0.64
C5 GOD C . -9.07 5.81 2.24
C8 GOD C . -9.31 6.30 0.96
C15 GOD C . -4.15 6.81 2.90
C20 GOD C . 0.33 7.90 2.60
C21 GOD C . 0.47 8.28 1.26
C22 GOD C . -0.65 8.67 0.55
C1 GOD C . -10.84 4.21 1.89
C2 GOD C . -11.60 3.05 2.47
C3 GOD C . -9.84 4.76 2.71
N6 GOD C . -10.28 5.79 0.17
O7 GOD C . -8.20 6.52 3.04
C9 GOD C . -7.44 5.86 4.05
N10 GOD C . -8.61 7.34 0.49
C11 GOD C . -6.10 5.44 3.46
C12 GOD C . -7.09 6.95 5.12
N13 GOD C . -5.30 6.66 3.57
C14 GOD C . -5.88 7.63 4.50
C16 GOD C . -3.43 8.13 3.09
O17 GOD C . -3.72 5.94 2.18
C18 GOD C . -2.05 8.21 2.46
C19 GOD C . -0.92 7.87 3.18
C23 GOD C . -1.90 8.64 1.15
O24 GOD C . 1.72 8.34 0.63
C25 GOD C . 2.44 7.21 0.51
F26 GOD C . 3.47 7.43 -0.25
F27 GOD C . 1.83 6.19 -0.01
F28 GOD C . 2.91 6.80 1.65
F29 GOD C . -6.81 6.40 6.35
F30 GOD C . -8.12 7.82 5.33
O31 GOD C . -11.34 2.62 3.59
N32 GOD C . -12.58 2.52 1.74
C33 GOD C . -13.45 1.49 2.28
HC4 GOD C . -11.84 4.49 -0.02
HC20 GOD C . 1.21 7.65 3.20
HC22 GOD C . -0.55 9.03 -0.47
HC3 GOD C . -9.72 4.38 3.72
HC9 GOD C . -7.94 5.02 4.52
H10B GOD C . -8.79 7.73 -0.43
H10A GOD C . -7.89 7.78 1.05
H11B GOD C . -6.18 5.10 2.43
H11A GOD C . -5.67 4.62 4.03
H14B GOD C . -5.20 7.96 5.29
H14A GOD C . -6.19 8.53 3.96
H16A GOD C . -3.31 8.38 4.15
H16B GOD C . -4.07 8.90 2.68
HC19 GOD C . -0.99 7.57 4.23
HC23 GOD C . -2.77 8.99 0.59
HN32 GOD C . -12.78 2.79 0.79
H33B GOD C . -13.80 1.71 3.29
H33C GOD C . -12.98 0.52 2.32
H33A GOD C . -14.34 1.39 1.66
#